data_9IQU
#
_entry.id   9IQU
#
_cell.length_a   65.190
_cell.length_b   65.190
_cell.length_c   231.933
_cell.angle_alpha   90.000
_cell.angle_beta   90.000
_cell.angle_gamma   120.000
#
_symmetry.space_group_name_H-M   'P 61 2 2'
#
loop_
_entity.id
_entity.type
_entity.pdbx_description
1 polymer 'Thymidylate synthase'
2 non-polymer "2'-DEOXYCYTIDINE-5'-MONOPHOSPHATE"
3 non-polymer GLYCEROL
4 water water
#
_entity_poly.entity_id   1
_entity_poly.type   'polypeptide(L)'
_entity_poly.pdbx_seq_one_letter_code
;NTMKYIKAADFQSAFKAVNREILENPQFVTDSRIGRCNEIGSMTVVVDTPSSFKMTDPRINRISYEYAEDFWKFMISGGT
DAKEAFKAYPNVAKFISKPKSDALPANFNTFYGPRIAAQLPALLKELKEKPNSRRVVFQILESSDQALLDSDETLEYPCT
DSVTYYIRDGKLYTHCHMRSQNCAVVMQLDFYLQGKLLHYIANECGVEVGDYTHTMVSAHVFERDFDYVKGFLD
;
_entity_poly.pdbx_strand_id   A
#
# COMPACT_ATOMS: atom_id res chain seq x y z
N ASN A 1 -21.30 9.15 12.29
CA ASN A 1 -21.44 8.40 11.04
C ASN A 1 -20.08 8.01 10.47
N THR A 2 -20.05 6.93 9.68
CA THR A 2 -18.79 6.44 9.11
C THR A 2 -18.21 7.40 8.07
N MET A 3 -17.03 7.94 8.36
CA MET A 3 -16.32 8.80 7.42
C MET A 3 -15.45 7.94 6.51
N LYS A 4 -15.63 8.10 5.20
CA LYS A 4 -14.99 7.21 4.25
C LYS A 4 -13.94 7.91 3.42
N TYR A 5 -13.86 9.22 3.57
CA TYR A 5 -12.93 10.04 2.81
C TYR A 5 -12.08 10.81 3.79
N ILE A 6 -10.77 10.59 3.74
CA ILE A 6 -9.87 11.18 4.71
C ILE A 6 -8.70 11.87 4.03
N LYS A 7 -8.62 13.19 4.22
CA LYS A 7 -7.51 13.95 3.67
C LYS A 7 -6.54 14.30 4.80
N ALA A 8 -5.25 13.99 4.62
CA ALA A 8 -4.27 14.30 5.64
C ALA A 8 -3.01 14.88 5.03
N ALA A 9 -2.21 15.56 5.85
CA ALA A 9 -1.03 16.23 5.36
C ALA A 9 0.08 15.25 5.05
N ASP A 10 0.15 14.18 5.85
CA ASP A 10 1.24 13.22 5.76
C ASP A 10 0.74 11.81 6.04
N PHE A 11 1.59 10.82 5.82
CA PHE A 11 1.14 9.43 5.90
C PHE A 11 0.71 9.07 7.32
N GLN A 12 1.44 9.58 8.31
CA GLN A 12 1.15 9.22 9.69
C GLN A 12 -0.22 9.70 10.13
N SER A 13 -0.54 10.95 9.84
CA SER A 13 -1.82 11.51 10.20
C SER A 13 -2.95 10.75 9.52
N ALA A 14 -2.71 10.39 8.26
CA ALA A 14 -3.69 9.60 7.52
C ALA A 14 -3.85 8.24 8.20
N PHE A 15 -2.71 7.65 8.53
CA PHE A 15 -2.64 6.33 9.12
C PHE A 15 -3.45 6.29 10.42
N LYS A 16 -3.28 7.31 11.26
CA LYS A 16 -3.94 7.32 12.55
C LYS A 16 -5.43 7.61 12.40
N ALA A 17 -5.76 8.48 11.44
CA ALA A 17 -7.16 8.84 11.24
C ALA A 17 -7.95 7.65 10.72
N VAL A 18 -7.33 6.89 9.82
CA VAL A 18 -7.97 5.70 9.25
C VAL A 18 -8.23 4.66 10.34
N ASN A 19 -7.22 4.39 11.16
CA ASN A 19 -7.34 3.43 12.24
C ASN A 19 -8.35 3.89 13.28
N ARG A 20 -8.32 5.18 13.60
CA ARG A 20 -9.29 5.70 14.56
C ARG A 20 -10.73 5.48 14.06
N GLU A 21 -10.96 5.74 12.79
CA GLU A 21 -12.32 5.66 12.25
C GLU A 21 -12.84 4.23 12.15
N ILE A 22 -11.95 3.28 11.84
CA ILE A 22 -12.33 1.86 11.78
C ILE A 22 -12.64 1.33 13.16
N LEU A 23 -11.86 1.75 14.16
CA LEU A 23 -12.18 1.34 15.53
C LEU A 23 -13.48 1.92 16.06
N GLU A 24 -13.75 3.18 15.73
CA GLU A 24 -14.86 3.86 16.39
C GLU A 24 -16.17 3.85 15.61
N ASN A 25 -16.07 3.91 14.29
CA ASN A 25 -17.24 3.98 13.40
C ASN A 25 -17.17 2.97 12.27
N PRO A 26 -17.08 1.66 12.59
CA PRO A 26 -16.95 0.70 11.49
C PRO A 26 -18.23 0.61 10.65
N GLN A 27 -18.11 0.27 9.37
CA GLN A 27 -19.31 -0.02 8.57
C GLN A 27 -19.79 -1.45 8.89
N PHE A 28 -18.85 -2.37 9.04
CA PHE A 28 -19.18 -3.77 9.32
C PHE A 28 -18.32 -4.26 10.48
N VAL A 29 -18.88 -5.14 11.29
CA VAL A 29 -18.11 -5.97 12.21
C VAL A 29 -18.31 -7.41 11.76
N THR A 30 -17.25 -8.02 11.25
CA THR A 30 -17.40 -9.23 10.45
C THR A 30 -16.32 -10.30 10.65
N ASP A 31 -16.75 -11.56 10.54
CA ASP A 31 -15.87 -12.73 10.49
C ASP A 31 -15.20 -12.85 9.14
N SER A 32 -13.88 -12.69 9.08
CA SER A 32 -13.20 -12.80 7.81
C SER A 32 -12.44 -14.12 7.70
N ARG A 33 -11.82 -14.33 6.54
CA ARG A 33 -10.94 -15.46 6.27
C ARG A 33 -9.94 -15.73 7.39
N ILE A 34 -9.40 -14.67 8.00
CA ILE A 34 -8.40 -14.82 9.06
C ILE A 34 -8.81 -14.07 10.34
N GLY A 35 -10.08 -14.19 10.71
CA GLY A 35 -10.53 -13.73 12.01
C GLY A 35 -11.41 -12.50 11.98
N ARG A 36 -11.97 -12.16 13.15
CA ARG A 36 -12.91 -11.05 13.30
C ARG A 36 -12.26 -9.68 13.13
N CYS A 37 -12.96 -8.77 12.47
CA CYS A 37 -12.42 -7.44 12.27
C CYS A 37 -13.52 -6.38 12.16
N ASN A 38 -13.15 -5.14 12.45
CA ASN A 38 -13.94 -3.97 12.11
C ASN A 38 -13.55 -3.59 10.69
N GLU A 39 -14.51 -3.12 9.89
CA GLU A 39 -14.24 -2.90 8.47
C GLU A 39 -15.04 -1.71 7.95
N ILE A 40 -14.43 -0.96 7.03
CA ILE A 40 -15.11 0.12 6.34
C ILE A 40 -14.87 -0.16 4.85
N GLY A 41 -15.93 -0.25 4.07
CA GLY A 41 -15.80 -0.48 2.65
C GLY A 41 -15.52 0.77 1.86
N SER A 42 -14.67 0.62 0.84
CA SER A 42 -14.35 1.70 -0.08
C SER A 42 -13.95 2.99 0.61
N MET A 43 -12.88 2.89 1.39
CA MET A 43 -12.26 4.04 2.01
C MET A 43 -11.39 4.74 0.97
N THR A 44 -11.41 6.07 0.99
CA THR A 44 -10.51 6.86 0.16
C THR A 44 -9.63 7.71 1.06
N VAL A 45 -8.32 7.61 0.90
CA VAL A 45 -7.37 8.38 1.72
C VAL A 45 -6.44 9.15 0.81
N VAL A 46 -6.26 10.44 1.11
CA VAL A 46 -5.39 11.34 0.34
C VAL A 46 -4.24 11.82 1.24
N VAL A 47 -3.00 11.69 0.76
CA VAL A 47 -1.84 12.20 1.49
C VAL A 47 -1.23 13.36 0.69
N ASP A 48 -1.29 14.57 1.26
CA ASP A 48 -0.74 15.78 0.65
C ASP A 48 0.76 15.74 0.39
N THR A 49 1.51 15.14 1.32
CA THR A 49 2.98 15.21 1.27
C THR A 49 3.57 13.81 1.31
N PRO A 50 3.66 13.15 0.16
CA PRO A 50 4.04 11.73 0.18
C PRO A 50 5.52 11.44 0.43
N SER A 51 6.35 12.46 0.66
CA SER A 51 7.72 12.20 1.06
C SER A 51 7.76 11.71 2.53
N SER A 52 6.61 11.78 3.18
CA SER A 52 6.47 11.49 4.61
C SER A 52 6.19 10.02 4.92
N PHE A 53 6.60 9.12 4.02
CA PHE A 53 6.21 7.72 4.11
C PHE A 53 6.87 6.94 5.26
N LYS A 54 7.92 7.49 5.85
CA LYS A 54 8.45 6.88 7.07
C LYS A 54 7.81 7.61 8.23
N MET A 55 6.94 6.95 8.97
CA MET A 55 6.37 7.69 10.11
C MET A 55 7.25 7.67 11.34
N THR A 56 7.01 8.67 12.18
CA THR A 56 7.94 9.08 13.21
C THR A 56 7.58 8.62 14.60
N ASP A 57 6.29 8.37 14.85
CA ASP A 57 5.83 7.87 16.15
C ASP A 57 6.39 6.46 16.38
N PRO A 58 7.29 6.29 17.37
CA PRO A 58 7.90 4.97 17.60
C PRO A 58 6.93 3.92 18.15
N ARG A 59 5.74 4.35 18.56
CA ARG A 59 4.77 3.38 19.08
C ARG A 59 4.12 2.61 17.93
N ILE A 60 4.25 3.12 16.72
CA ILE A 60 3.76 2.36 15.57
C ILE A 60 4.91 1.49 15.14
N ASN A 61 5.06 0.34 15.79
CA ASN A 61 6.31 -0.38 15.67
C ASN A 61 6.19 -1.82 15.18
N ARG A 62 5.01 -2.21 14.70
CA ARG A 62 4.83 -3.61 14.31
C ARG A 62 5.51 -3.88 12.96
N ILE A 63 5.72 -2.83 12.18
CA ILE A 63 6.56 -2.96 11.01
C ILE A 63 7.78 -2.10 11.25
N SER A 64 8.93 -2.72 11.50
CA SER A 64 10.13 -1.92 11.79
C SER A 64 10.62 -1.34 10.47
N TYR A 65 11.32 -0.22 10.50
CA TYR A 65 11.73 0.36 9.24
C TYR A 65 13.00 -0.29 8.72
N GLU A 66 13.72 -0.99 9.59
CA GLU A 66 14.77 -1.91 9.14
C GLU A 66 14.17 -2.98 8.22
N TYR A 67 13.04 -3.55 8.63
CA TYR A 67 12.36 -4.58 7.83
C TYR A 67 11.80 -3.96 6.57
N ALA A 68 11.16 -2.80 6.71
CA ALA A 68 10.51 -2.14 5.60
C ALA A 68 11.53 -1.75 4.53
N GLU A 69 12.71 -1.30 4.94
CA GLU A 69 13.73 -0.98 3.95
C GLU A 69 14.27 -2.23 3.26
N ASP A 70 14.48 -3.30 4.02
CA ASP A 70 14.83 -4.59 3.44
C ASP A 70 13.75 -5.08 2.47
N PHE A 71 12.48 -4.83 2.80
CA PHE A 71 11.42 -5.24 1.89
C PHE A 71 11.46 -4.39 0.62
N TRP A 72 11.74 -3.09 0.77
CA TRP A 72 11.84 -2.23 -0.40
C TRP A 72 12.94 -2.69 -1.35
N LYS A 73 14.13 -2.97 -0.82
CA LYS A 73 15.23 -3.39 -1.65
C LYS A 73 14.88 -4.70 -2.36
N PHE A 74 14.25 -5.62 -1.63
CA PHE A 74 13.78 -6.88 -2.19
C PHE A 74 12.80 -6.68 -3.34
N MET A 75 11.90 -5.69 -3.25
CA MET A 75 10.85 -5.67 -4.24
C MET A 75 11.30 -4.78 -5.41
N ILE A 76 12.04 -3.70 -5.18
CA ILE A 76 12.54 -2.90 -6.32
C ILE A 76 13.59 -3.69 -7.11
N SER A 77 14.31 -4.61 -6.46
CA SER A 77 15.32 -5.40 -7.17
C SER A 77 14.67 -6.54 -7.95
N GLY A 78 13.37 -6.71 -7.77
CA GLY A 78 12.63 -7.69 -8.53
C GLY A 78 13.07 -9.12 -8.26
N GLY A 79 13.65 -9.36 -7.08
CA GLY A 79 14.07 -10.70 -6.70
C GLY A 79 12.98 -11.69 -6.31
N THR A 80 13.35 -12.97 -6.23
CA THR A 80 12.41 -14.03 -5.89
C THR A 80 12.84 -14.83 -4.65
N ASP A 81 14.02 -14.53 -4.14
CA ASP A 81 14.62 -15.30 -3.07
C ASP A 81 14.36 -14.63 -1.72
N ALA A 82 13.12 -14.77 -1.25
CA ALA A 82 12.69 -14.05 -0.06
C ALA A 82 13.20 -14.74 1.19
N LYS A 83 13.48 -16.03 1.06
CA LYS A 83 14.05 -16.82 2.14
C LYS A 83 15.37 -16.20 2.59
N GLU A 84 16.22 -15.86 1.63
CA GLU A 84 17.50 -15.24 1.89
C GLU A 84 17.37 -13.76 2.26
N ALA A 85 16.51 -13.04 1.54
CA ALA A 85 16.31 -11.61 1.77
C ALA A 85 15.88 -11.29 3.20
N PHE A 86 15.13 -12.18 3.82
CA PHE A 86 14.57 -11.92 5.14
C PHE A 86 15.06 -12.91 6.22
N LYS A 87 16.22 -13.53 6.00
CA LYS A 87 16.73 -14.52 6.94
C LYS A 87 17.06 -13.95 8.33
N ALA A 88 16.90 -12.63 8.50
CA ALA A 88 17.07 -12.01 9.81
C ALA A 88 15.72 -11.80 10.51
N TYR A 89 14.66 -12.23 9.82
CA TYR A 89 13.29 -12.11 10.33
C TYR A 89 12.56 -13.46 10.21
N PRO A 90 12.11 -14.02 11.34
CA PRO A 90 11.54 -15.38 11.41
C PRO A 90 10.09 -15.56 10.92
N PHE A 108 5.65 -20.06 -10.06
CA PHE A 108 4.55 -19.18 -9.64
C PHE A 108 4.76 -18.55 -8.30
N ASN A 109 4.72 -17.22 -8.27
CA ASN A 109 4.83 -16.50 -7.04
C ASN A 109 3.96 -15.24 -7.11
N THR A 110 3.71 -14.67 -5.98
CA THR A 110 2.88 -13.49 -5.94
C THR A 110 3.68 -12.26 -5.43
N PHE A 111 5.01 -12.36 -5.53
CA PHE A 111 5.84 -11.23 -5.17
C PHE A 111 5.53 -10.00 -6.08
N TYR A 112 5.44 -8.82 -5.47
CA TYR A 112 5.15 -7.62 -6.28
C TYR A 112 6.33 -7.27 -7.16
N GLY A 113 7.53 -7.50 -6.65
CA GLY A 113 8.76 -7.04 -7.29
C GLY A 113 8.92 -7.43 -8.74
N PRO A 114 8.84 -8.73 -9.03
CA PRO A 114 8.96 -9.19 -10.41
C PRO A 114 7.88 -8.65 -11.32
N ARG A 115 6.68 -8.39 -10.80
CA ARG A 115 5.61 -7.81 -11.63
C ARG A 115 5.88 -6.35 -11.96
N ILE A 116 6.34 -5.59 -10.97
CA ILE A 116 6.75 -4.22 -11.20
C ILE A 116 7.88 -4.18 -12.22
N ALA A 117 8.86 -5.08 -12.07
CA ALA A 117 10.00 -5.13 -12.98
C ALA A 117 9.59 -5.38 -14.43
N ALA A 118 8.67 -6.32 -14.66
CA ALA A 118 8.20 -6.64 -16.02
C ALA A 118 7.53 -5.45 -16.71
N GLN A 119 6.76 -4.70 -15.95
CA GLN A 119 5.98 -3.63 -16.52
C GLN A 119 6.74 -2.30 -16.59
N LEU A 120 7.87 -2.19 -15.89
CA LEU A 120 8.58 -0.90 -15.80
C LEU A 120 8.95 -0.33 -17.17
N PRO A 121 9.53 -1.15 -18.07
CA PRO A 121 9.96 -0.51 -19.31
C PRO A 121 8.82 0.10 -20.15
N ALA A 122 7.71 -0.61 -20.27
CA ALA A 122 6.61 -0.10 -21.08
C ALA A 122 5.92 1.07 -20.38
N LEU A 123 5.70 0.95 -19.08
CA LEU A 123 4.99 2.01 -18.36
C LEU A 123 5.84 3.28 -18.28
N LEU A 124 7.15 3.15 -18.02
CA LEU A 124 8.03 4.31 -18.02
C LEU A 124 8.05 4.98 -19.38
N LYS A 125 8.04 4.20 -20.46
CA LYS A 125 8.03 4.75 -21.79
C LYS A 125 6.78 5.59 -22.02
N GLU A 126 5.62 5.05 -21.68
CA GLU A 126 4.35 5.78 -21.82
C GLU A 126 4.38 7.03 -20.95
N LEU A 127 4.88 6.89 -19.72
CA LEU A 127 4.87 8.01 -18.79
C LEU A 127 5.76 9.17 -19.25
N LYS A 128 6.94 8.85 -19.78
CA LYS A 128 7.86 9.88 -20.26
C LYS A 128 7.52 10.42 -21.65
N GLU A 129 7.01 9.56 -22.54
CA GLU A 129 6.87 9.92 -23.95
C GLU A 129 5.47 10.34 -24.40
N LYS A 130 4.41 9.86 -23.74
CA LYS A 130 3.07 10.30 -24.13
C LYS A 130 2.58 11.37 -23.13
N PRO A 131 2.52 12.63 -23.60
CA PRO A 131 2.19 13.76 -22.70
C PRO A 131 0.79 13.64 -22.11
N ASN A 132 0.69 13.75 -20.79
CA ASN A 132 -0.58 13.80 -20.06
C ASN A 132 -1.35 12.50 -20.22
N SER A 133 -0.61 11.40 -20.35
CA SER A 133 -1.20 10.07 -20.48
C SER A 133 -2.07 9.71 -19.28
N ARG A 134 -3.13 8.98 -19.57
CA ARG A 134 -4.00 8.40 -18.54
C ARG A 134 -3.74 6.89 -18.39
N ARG A 135 -2.73 6.37 -19.10
CA ARG A 135 -2.66 4.91 -19.29
C ARG A 135 -1.62 4.15 -18.44
N VAL A 136 -1.02 4.83 -17.47
CA VAL A 136 0.14 4.28 -16.79
C VAL A 136 -0.34 3.62 -15.51
N VAL A 137 -0.63 2.32 -15.62
CA VAL A 137 -1.15 1.54 -14.52
C VAL A 137 -0.35 0.26 -14.31
N PHE A 138 0.27 0.14 -13.14
CA PHE A 138 0.93 -1.11 -12.76
C PHE A 138 -0.11 -2.09 -12.22
N GLN A 139 -0.24 -3.25 -12.86
CA GLN A 139 -1.13 -4.27 -12.29
C GLN A 139 -0.33 -5.06 -11.27
N ILE A 140 -0.88 -5.20 -10.08
CA ILE A 140 -0.27 -6.12 -9.12
C ILE A 140 -1.12 -7.40 -9.13
N LEU A 141 -2.33 -7.31 -8.57
CA LEU A 141 -3.27 -8.42 -8.64
C LEU A 141 -3.69 -8.62 -10.11
N GLU A 142 -3.56 -9.85 -10.62
CA GLU A 142 -4.00 -10.19 -12.00
C GLU A 142 -4.92 -11.45 -11.95
N SER A 143 -5.69 -11.72 -13.01
CA SER A 143 -6.66 -12.82 -12.96
C SER A 143 -6.01 -14.21 -12.81
N SER A 144 -4.75 -14.36 -13.16
CA SER A 144 -4.09 -15.67 -13.00
C SER A 144 -3.91 -16.03 -11.53
N ASP A 145 -3.94 -15.04 -10.66
CA ASP A 145 -3.89 -15.28 -9.24
C ASP A 145 -5.15 -15.98 -8.68
N GLN A 146 -6.18 -16.01 -9.46
CA GLN A 146 -7.41 -16.65 -9.01
C GLN A 146 -7.22 -18.17 -8.79
N ALA A 147 -6.14 -18.70 -9.31
CA ALA A 147 -5.85 -20.12 -9.08
C ALA A 147 -5.58 -20.37 -7.60
N LEU A 148 -5.31 -19.33 -6.83
CA LEU A 148 -5.11 -19.48 -5.40
C LEU A 148 -6.39 -19.58 -4.57
N LEU A 149 -7.48 -19.12 -5.15
CA LEU A 149 -8.73 -19.07 -4.39
C LEU A 149 -9.19 -20.40 -3.82
N ASP A 150 -9.26 -21.38 -4.67
CA ASP A 150 -9.72 -22.70 -4.24
C ASP A 150 -8.53 -23.59 -3.93
N SER A 151 -7.47 -23.05 -3.36
CA SER A 151 -6.25 -23.81 -3.10
C SER A 151 -5.91 -23.88 -1.64
N ASP A 152 -4.93 -24.66 -1.31
CA ASP A 152 -4.49 -24.67 0.07
C ASP A 152 -3.08 -24.12 0.12
N GLU A 153 -2.75 -23.28 -0.84
CA GLU A 153 -1.45 -22.62 -0.75
C GLU A 153 -1.54 -21.45 0.24
N THR A 154 -0.41 -21.01 0.76
CA THR A 154 -0.40 -19.87 1.68
C THR A 154 0.13 -18.60 1.02
N LEU A 155 0.48 -18.68 -0.24
CA LEU A 155 0.96 -17.55 -0.99
C LEU A 155 -0.05 -16.41 -0.90
N GLU A 156 0.46 -15.21 -0.86
CA GLU A 156 -0.43 -14.09 -0.84
C GLU A 156 -1.26 -13.90 -2.10
N TYR A 157 -2.55 -13.82 -1.92
CA TYR A 157 -3.39 -13.40 -3.03
C TYR A 157 -3.35 -11.86 -2.98
N PRO A 158 -2.72 -11.22 -3.98
CA PRO A 158 -2.26 -9.83 -3.82
C PRO A 158 -3.31 -8.87 -3.27
N CYS A 159 -2.95 -8.19 -2.18
CA CYS A 159 -3.82 -7.23 -1.53
C CYS A 159 -3.90 -5.92 -2.31
N THR A 160 -2.84 -5.64 -3.07
CA THR A 160 -2.72 -4.47 -3.91
C THR A 160 -3.23 -4.80 -5.30
N ASP A 161 -4.22 -4.05 -5.78
CA ASP A 161 -4.82 -4.31 -7.09
C ASP A 161 -4.02 -3.64 -8.21
N SER A 162 -3.78 -2.34 -8.06
CA SER A 162 -3.01 -1.62 -9.06
C SER A 162 -2.51 -0.29 -8.52
N VAL A 163 -1.54 0.30 -9.21
CA VAL A 163 -0.97 1.58 -8.84
C VAL A 163 -0.96 2.42 -10.12
N THR A 164 -1.65 3.55 -10.13
CA THR A 164 -1.69 4.38 -11.33
C THR A 164 -0.84 5.63 -11.12
N TYR A 165 -0.05 5.99 -12.13
CA TYR A 165 0.77 7.18 -12.11
C TYR A 165 0.40 8.10 -13.27
N TYR A 166 0.38 9.40 -13.03
CA TYR A 166 0.19 10.34 -14.14
C TYR A 166 0.87 11.65 -13.79
N ILE A 167 1.32 12.33 -14.84
CA ILE A 167 2.06 13.58 -14.70
C ILE A 167 1.27 14.72 -15.34
N ARG A 168 0.97 15.74 -14.55
CA ARG A 168 0.37 16.96 -15.06
C ARG A 168 1.20 18.15 -14.58
N ASP A 169 1.50 19.09 -15.49
CA ASP A 169 2.23 20.31 -15.14
C ASP A 169 3.44 20.06 -14.23
N GLY A 170 4.27 19.13 -14.64
CA GLY A 170 5.54 18.89 -13.96
C GLY A 170 5.48 18.08 -12.68
N LYS A 171 4.29 17.58 -12.30
CA LYS A 171 4.14 16.85 -11.03
C LYS A 171 3.59 15.44 -11.21
N LEU A 172 4.13 14.51 -10.43
CA LEU A 172 3.69 13.11 -10.48
C LEU A 172 2.63 12.86 -9.43
N TYR A 173 1.48 12.38 -9.88
CA TYR A 173 0.36 12.04 -9.01
C TYR A 173 0.22 10.53 -9.01
N THR A 174 -0.14 9.98 -7.85
CA THR A 174 -0.18 8.54 -7.63
C THR A 174 -1.56 8.11 -7.11
N HIS A 175 -2.12 7.04 -7.67
CA HIS A 175 -3.32 6.42 -7.09
C HIS A 175 -3.10 4.92 -6.88
N CYS A 176 -2.96 4.51 -5.63
CA CYS A 176 -2.85 3.11 -5.27
C CYS A 176 -4.22 2.54 -4.90
N HIS A 177 -4.68 1.53 -5.66
CA HIS A 177 -5.95 0.86 -5.34
C HIS A 177 -5.72 -0.49 -4.67
N MET A 178 -6.16 -0.58 -3.41
CA MET A 178 -6.00 -1.75 -2.54
C MET A 178 -7.31 -2.57 -2.60
N ARG A 179 -7.19 -3.85 -2.91
CA ARG A 179 -8.30 -4.77 -2.77
C ARG A 179 -8.63 -4.93 -1.28
N SER A 180 -7.57 -5.10 -0.49
CA SER A 180 -7.70 -5.48 0.91
C SER A 180 -6.56 -4.85 1.69
N GLN A 181 -6.88 -4.19 2.79
CA GLN A 181 -5.86 -3.49 3.59
C GLN A 181 -6.08 -3.73 5.07
N ASN A 182 -5.09 -4.34 5.72
CA ASN A 182 -4.99 -4.39 7.18
C ASN A 182 -4.38 -3.06 7.61
N CYS A 183 -5.24 -2.17 8.12
CA CYS A 183 -4.86 -0.80 8.35
C CYS A 183 -3.95 -0.59 9.58
N ALA A 184 -4.01 -1.49 10.55
CA ALA A 184 -3.22 -1.33 11.77
C ALA A 184 -1.75 -1.73 11.56
N VAL A 185 -1.52 -2.77 10.79
CA VAL A 185 -0.19 -3.36 10.73
C VAL A 185 0.41 -3.23 9.35
N VAL A 186 -0.09 -4.01 8.40
CA VAL A 186 0.51 -4.06 7.06
C VAL A 186 0.43 -2.72 6.31
N MET A 187 -0.60 -1.92 6.53
CA MET A 187 -0.60 -0.57 5.96
C MET A 187 0.65 0.26 6.24
N GLN A 188 1.32 0.02 7.37
CA GLN A 188 2.58 0.71 7.65
C GLN A 188 3.61 0.34 6.58
N LEU A 189 3.63 -0.92 6.19
CA LEU A 189 4.54 -1.40 5.16
C LEU A 189 4.11 -0.94 3.75
N ASP A 190 2.81 -0.99 3.46
CA ASP A 190 2.30 -0.60 2.16
C ASP A 190 2.61 0.87 1.91
N PHE A 191 2.40 1.72 2.93
CA PHE A 191 2.68 3.15 2.80
C PHE A 191 4.17 3.37 2.47
N TYR A 192 5.02 2.69 3.22
CA TYR A 192 6.48 2.81 2.99
C TYR A 192 6.84 2.40 1.57
N LEU A 193 6.37 1.23 1.16
CA LEU A 193 6.69 0.72 -0.18
C LEU A 193 6.12 1.64 -1.24
N GLN A 194 4.87 2.06 -1.09
CA GLN A 194 4.27 2.95 -2.10
C GLN A 194 4.94 4.33 -2.15
N GLY A 195 5.39 4.82 -1.00
CA GLY A 195 6.11 6.08 -0.94
C GLY A 195 7.46 5.99 -1.64
N LYS A 196 8.21 4.94 -1.35
CA LYS A 196 9.49 4.72 -2.04
C LYS A 196 9.29 4.59 -3.55
N LEU A 197 8.26 3.86 -3.96
CA LEU A 197 8.07 3.60 -5.39
C LEU A 197 7.68 4.86 -6.16
N LEU A 198 6.77 5.65 -5.64
CA LEU A 198 6.40 6.86 -6.37
C LEU A 198 7.60 7.81 -6.45
N HIS A 199 8.46 7.82 -5.45
CA HIS A 199 9.68 8.64 -5.56
C HIS A 199 10.69 8.07 -6.57
N TYR A 200 10.76 6.75 -6.69
CA TYR A 200 11.60 6.11 -7.70
C TYR A 200 11.13 6.49 -9.09
N ILE A 201 9.81 6.43 -9.27
CA ILE A 201 9.19 6.76 -10.55
C ILE A 201 9.42 8.25 -10.86
N ALA A 202 9.18 9.11 -9.88
CA ALA A 202 9.32 10.55 -10.08
C ALA A 202 10.76 10.92 -10.48
N ASN A 203 11.74 10.34 -9.78
CA ASN A 203 13.14 10.62 -10.07
C ASN A 203 13.53 10.14 -11.47
N GLU A 204 13.03 8.98 -11.87
CA GLU A 204 13.28 8.45 -13.21
C GLU A 204 12.76 9.40 -14.30
N CYS A 205 11.66 10.10 -14.00
CA CYS A 205 11.03 10.98 -14.98
C CYS A 205 11.50 12.42 -14.86
N GLY A 206 12.26 12.74 -13.85
CA GLY A 206 12.77 14.08 -13.64
C GLY A 206 11.71 15.07 -13.26
N VAL A 207 10.71 14.61 -12.52
CA VAL A 207 9.64 15.48 -12.09
C VAL A 207 9.45 15.50 -10.57
N GLU A 208 8.76 16.50 -10.12
CA GLU A 208 8.42 16.58 -8.72
C GLU A 208 7.18 15.74 -8.33
N VAL A 209 6.94 15.67 -7.03
CA VAL A 209 5.85 14.88 -6.52
C VAL A 209 4.62 15.73 -6.18
N GLY A 210 3.46 15.31 -6.65
CA GLY A 210 2.22 15.94 -6.27
C GLY A 210 1.69 15.32 -5.00
N ASP A 211 0.57 14.64 -5.13
CA ASP A 211 -0.01 13.99 -3.99
C ASP A 211 -0.31 12.46 -4.19
N TYR A 212 -0.70 11.80 -3.12
CA TYR A 212 -0.92 10.37 -3.15
C TYR A 212 -2.33 10.01 -2.68
N THR A 213 -2.95 9.10 -3.41
CA THR A 213 -4.32 8.69 -3.08
C THR A 213 -4.34 7.17 -2.92
N HIS A 214 -5.05 6.73 -1.89
CA HIS A 214 -5.00 5.35 -1.44
C HIS A 214 -6.44 4.90 -1.29
N THR A 215 -6.95 4.09 -2.22
CA THR A 215 -8.32 3.58 -2.05
C THR A 215 -8.25 2.12 -1.62
N MET A 216 -9.17 1.73 -0.75
CA MET A 216 -9.23 0.36 -0.25
C MET A 216 -10.67 -0.11 -0.21
N VAL A 217 -10.96 -1.15 -1.00
CA VAL A 217 -12.30 -1.72 -1.00
C VAL A 217 -12.64 -2.28 0.38
N SER A 218 -11.68 -2.96 1.00
CA SER A 218 -11.83 -3.38 2.39
C SER A 218 -10.75 -2.75 3.22
N ALA A 219 -11.15 -1.84 4.11
CA ALA A 219 -10.21 -1.22 5.04
C ALA A 219 -10.55 -1.73 6.44
N HIS A 220 -9.67 -2.55 7.00
CA HIS A 220 -10.05 -3.27 8.20
C HIS A 220 -8.95 -3.31 9.28
N VAL A 221 -9.41 -3.47 10.51
CA VAL A 221 -8.57 -3.69 11.66
C VAL A 221 -9.10 -4.93 12.38
N PHE A 222 -8.25 -5.93 12.59
CA PHE A 222 -8.68 -7.12 13.32
C PHE A 222 -8.85 -6.80 14.79
N GLU A 223 -9.86 -7.40 15.42
CA GLU A 223 -10.09 -7.20 16.86
C GLU A 223 -8.85 -7.54 17.70
N ARG A 224 -8.09 -8.54 17.29
CA ARG A 224 -6.88 -8.91 18.02
C ARG A 224 -5.82 -7.81 18.03
N ASP A 225 -6.01 -6.76 17.22
CA ASP A 225 -5.06 -5.66 17.19
C ASP A 225 -5.60 -4.35 17.76
N PHE A 226 -6.80 -4.38 18.35
CA PHE A 226 -7.42 -3.15 18.86
C PHE A 226 -6.54 -2.49 19.92
N ASP A 227 -5.98 -3.30 20.82
CA ASP A 227 -5.14 -2.76 21.90
C ASP A 227 -3.90 -2.08 21.34
N TYR A 228 -3.26 -2.71 20.37
CA TYR A 228 -2.10 -2.12 19.70
C TYR A 228 -2.44 -0.74 19.11
N VAL A 229 -3.57 -0.65 18.41
CA VAL A 229 -4.02 0.61 17.83
C VAL A 229 -4.28 1.65 18.91
N LYS A 230 -4.99 1.27 19.95
CA LYS A 230 -5.28 2.21 21.03
C LYS A 230 -3.98 2.71 21.66
N GLY A 231 -2.91 1.91 21.53
CA GLY A 231 -1.60 2.30 22.01
C GLY A 231 -0.92 3.45 21.29
N PHE A 232 -1.26 3.69 20.02
CA PHE A 232 -0.61 4.80 19.33
C PHE A 232 -1.58 5.96 19.01
N LEU A 233 -2.86 5.80 19.37
CA LEU A 233 -3.78 6.93 19.30
C LEU A 233 -3.67 7.72 20.61
N ASP A 234 -3.71 9.04 20.53
CA ASP A 234 -3.24 9.95 21.60
C ASP A 234 -1.73 9.75 21.88
#